data_3TAJ
#
_entry.id   3TAJ
#
_cell.length_a   61.347
_cell.length_b   49.826
_cell.length_c   65.068
_cell.angle_alpha   90.00
_cell.angle_beta   106.63
_cell.angle_gamma   90.00
#
_symmetry.space_group_name_H-M   'P 1 21 1'
#
loop_
_entity.id
_entity.type
_entity.pdbx_description
1 polymer Lactotransferrin
2 branched 2-acetamido-2-deoxy-beta-D-glucopyranose-(1-4)-2-acetamido-2-deoxy-beta-D-glucopyranose
3 non-polymer nabumetone
4 non-polymer 2-acetamido-2-deoxy-beta-D-glucopyranose
5 non-polymer 'ZINC ION'
6 non-polymer 'FE (III) ION'
7 non-polymer 'CARBONATE ION'
8 non-polymer 'SULFATE ION'
9 water water
#
_entity_poly.entity_id   1
_entity_poly.type   'polypeptide(L)'
_entity_poly.pdbx_seq_one_letter_code
;YTRVVWCAVGPEEQKKCQQWSQQSGQNVTCATASTTDDCIVLVLKGEADALNLDGGYIYTAGKCGLVPVLAENRKSSKHS
SLDCVLRPTEGYLAVAVVKKANEGLTWNSLKDKKSCHTAVDRTAGWNIPMGLIVNQTGSCAFDEFFSQSCAPGADPKSRL
CALCAGDDQGLDKCVPNSKEKYYGYTGAFRCLAEDVGDVAFVKNDTVWENTNGESTADWAKNLKREDFRLLCLDGTRKPV
TEAQSCHLAVAPNHAVVSRSDRAAHVEQVLLHQQALFGKNGKNCPDKFCLFKSETKNLLFNDNTECLAKLGGRPTYEEYL
GTEYVTAIANLKKCSTSPLLEACAF
;
_entity_poly.pdbx_strand_id   A
#
loop_
_chem_comp.id
_chem_comp.type
_chem_comp.name
_chem_comp.formula
CO3 non-polymer 'CARBONATE ION' 'C O3 -2'
FE non-polymer 'FE (III) ION' 'Fe 3'
NAG D-saccharide, beta linking 2-acetamido-2-deoxy-beta-D-glucopyranose 'C8 H15 N O6'
NBO non-polymer nabumetone 'C15 H16 O2'
SO4 non-polymer 'SULFATE ION' 'O4 S -2'
ZN non-polymer 'ZINC ION' 'Zn 2'
#
# COMPACT_ATOMS: atom_id res chain seq x y z
N TYR A 1 8.61 9.14 28.75
CA TYR A 1 7.39 8.57 29.41
C TYR A 1 6.29 8.24 28.42
N THR A 2 6.13 9.11 27.42
CA THR A 2 5.14 8.91 26.37
C THR A 2 5.84 9.16 25.05
N ARG A 3 6.76 8.25 24.71
CA ARG A 3 7.50 8.35 23.48
C ARG A 3 7.18 7.16 22.60
N VAL A 4 6.79 7.44 21.36
CA VAL A 4 6.44 6.37 20.42
C VAL A 4 7.57 6.16 19.43
N VAL A 5 7.99 4.91 19.27
CA VAL A 5 9.03 4.55 18.32
C VAL A 5 8.36 4.06 17.04
N TRP A 6 8.49 4.85 15.97
CA TRP A 6 7.93 4.47 14.68
C TRP A 6 8.89 3.58 13.95
N CYS A 7 8.38 2.66 13.12
CA CYS A 7 9.25 1.86 12.28
C CYS A 7 9.15 2.29 10.83
N ALA A 8 10.28 2.75 10.31
CA ALA A 8 10.38 3.21 8.93
C ALA A 8 10.95 2.10 8.07
N VAL A 9 10.37 1.91 6.88
CA VAL A 9 10.80 0.87 5.96
C VAL A 9 11.68 1.48 4.88
N GLY A 10 12.98 1.25 4.98
CA GLY A 10 13.95 1.79 4.02
C GLY A 10 14.40 3.21 4.37
N PRO A 11 15.46 3.69 3.69
CA PRO A 11 16.13 4.95 4.02
C PRO A 11 15.35 6.24 3.72
N GLU A 12 14.41 6.20 2.79
CA GLU A 12 13.61 7.38 2.48
C GLU A 12 12.57 7.61 3.56
N GLU A 13 11.91 6.54 3.98
CA GLU A 13 11.00 6.61 5.11
C GLU A 13 11.75 6.98 6.38
N GLN A 14 12.97 6.47 6.53
CA GLN A 14 13.82 6.82 7.66
C GLN A 14 14.06 8.32 7.72
N LYS A 15 14.40 8.90 6.57
CA LYS A 15 14.63 10.34 6.47
C LYS A 15 13.39 11.14 6.87
N LYS A 16 12.22 10.74 6.38
CA LYS A 16 10.97 11.43 6.75
C LYS A 16 10.67 11.25 8.23
N CYS A 17 10.88 10.04 8.74
CA CYS A 17 10.69 9.76 10.15
C CYS A 17 11.57 10.65 11.02
N GLN A 18 12.83 10.82 10.64
CA GLN A 18 13.76 11.67 11.39
C GLN A 18 13.31 13.12 11.45
N GLN A 19 12.74 13.60 10.35
CA GLN A 19 12.17 14.94 10.26
C GLN A 19 10.98 15.10 11.21
N TRP A 20 10.10 14.09 11.20
CA TRP A 20 8.96 14.02 12.10
C TRP A 20 9.42 14.00 13.55
N SER A 21 10.44 13.18 13.83
CA SER A 21 11.02 13.06 15.17
C SER A 21 11.54 14.40 15.68
N GLN A 22 12.31 15.08 14.84
CA GLN A 22 12.84 16.41 15.17
C GLN A 22 11.73 17.40 15.48
N GLN A 23 10.74 17.48 14.59
CA GLN A 23 9.64 18.42 14.71
C GLN A 23 8.71 18.12 15.88
N SER A 24 8.67 16.86 16.30
CA SER A 24 7.82 16.43 17.41
C SER A 24 8.52 16.56 18.77
N GLY A 25 9.76 17.04 18.77
CA GLY A 25 10.55 17.16 19.99
C GLY A 25 10.82 15.80 20.62
N GLN A 26 11.04 14.81 19.77
CA GLN A 26 11.33 13.43 20.19
C GLN A 26 10.18 12.79 20.95
N ASN A 27 8.95 13.23 20.69
CA ASN A 27 7.76 12.50 21.12
C ASN A 27 7.56 11.25 20.27
N VAL A 28 8.04 11.36 19.03
CA VAL A 28 8.17 10.22 18.13
C VAL A 28 9.66 10.07 17.84
N THR A 29 10.15 8.83 17.90
CA THR A 29 11.50 8.51 17.45
C THR A 29 11.40 7.39 16.42
N CYS A 30 12.54 7.01 15.86
CA CYS A 30 12.53 6.15 14.67
C CYS A 30 13.41 4.92 14.80
N ALA A 31 12.82 3.78 14.45
CA ALA A 31 13.58 2.58 14.15
C ALA A 31 13.46 2.41 12.65
N THR A 32 14.45 1.80 12.02
CA THR A 32 14.39 1.55 10.57
C THR A 32 14.73 0.11 10.27
N ALA A 33 13.99 -0.48 9.33
CA ALA A 33 14.29 -1.82 8.82
C ALA A 33 14.19 -1.80 7.29
N SER A 34 14.71 -2.83 6.64
CA SER A 34 14.76 -2.86 5.17
C SER A 34 13.45 -3.27 4.52
N THR A 35 12.62 -4.00 5.27
CA THR A 35 11.35 -4.49 4.74
C THR A 35 10.25 -4.28 5.76
N THR A 36 9.01 -4.35 5.28
CA THR A 36 7.86 -4.27 6.16
C THR A 36 7.82 -5.44 7.15
N ASP A 37 8.10 -6.65 6.67
CA ASP A 37 8.19 -7.81 7.54
C ASP A 37 9.21 -7.62 8.67
N ASP A 38 10.37 -7.05 8.36
CA ASP A 38 11.37 -6.75 9.38
C ASP A 38 10.88 -5.74 10.42
N CYS A 39 10.14 -4.73 9.96
CA CYS A 39 9.53 -3.78 10.87
C CYS A 39 8.51 -4.45 11.79
N ILE A 40 7.72 -5.36 11.25
CA ILE A 40 6.75 -6.12 12.06
C ILE A 40 7.47 -6.89 13.17
N VAL A 41 8.60 -7.50 12.82
CA VAL A 41 9.44 -8.20 13.79
C VAL A 41 9.97 -7.24 14.88
N LEU A 42 10.42 -6.05 14.47
CA LEU A 42 10.88 -5.05 15.46
C LEU A 42 9.77 -4.70 16.43
N VAL A 43 8.56 -4.53 15.91
CA VAL A 43 7.41 -4.23 16.76
C VAL A 43 7.12 -5.42 17.70
N LEU A 44 7.13 -6.64 17.16
CA LEU A 44 6.92 -7.83 17.97
C LEU A 44 7.94 -7.95 19.11
N LYS A 45 9.18 -7.54 18.84
CA LYS A 45 10.24 -7.58 19.85
C LYS A 45 10.13 -6.47 20.88
N GLY A 46 9.34 -5.43 20.58
CA GLY A 46 9.23 -4.26 21.43
C GLY A 46 10.30 -3.21 21.15
N GLU A 47 11.01 -3.37 20.04
CA GLU A 47 12.08 -2.45 19.67
C GLU A 47 11.56 -1.30 18.80
N ALA A 48 10.33 -1.45 18.34
CA ALA A 48 9.56 -0.35 17.78
C ALA A 48 8.12 -0.49 18.26
N ASP A 49 7.35 0.59 18.18
CA ASP A 49 5.98 0.59 18.67
C ASP A 49 4.93 0.36 17.60
N ALA A 50 5.13 0.97 16.43
CA ALA A 50 4.08 1.05 15.43
C ALA A 50 4.57 1.39 14.03
N LEU A 51 3.75 1.02 13.05
CA LEU A 51 3.89 1.51 11.68
C LEU A 51 2.55 1.34 10.98
N ASN A 52 2.42 2.05 9.86
CA ASN A 52 1.20 2.04 9.06
C ASN A 52 1.37 0.96 7.99
N LEU A 53 0.34 0.13 7.82
CA LEU A 53 0.45 -1.09 7.01
C LEU A 53 -0.66 -1.27 5.99
N ASP A 54 -0.29 -1.72 4.80
CA ASP A 54 -1.26 -2.26 3.86
C ASP A 54 -1.94 -3.54 4.37
N GLY A 55 -3.23 -3.72 4.06
CA GLY A 55 -4.02 -4.84 4.57
C GLY A 55 -3.38 -6.22 4.52
N GLY A 56 -2.63 -6.51 3.46
CA GLY A 56 -1.92 -7.78 3.36
C GLY A 56 -0.90 -7.92 4.47
N TYR A 57 -0.25 -6.80 4.80
CA TYR A 57 0.71 -6.77 5.89
C TYR A 57 0.01 -6.80 7.26
N ILE A 58 -1.18 -6.22 7.33
CA ILE A 58 -1.99 -6.29 8.55
C ILE A 58 -2.31 -7.75 8.90
N TYR A 59 -2.58 -8.54 7.86
CA TYR A 59 -2.78 -9.97 8.01
C TYR A 59 -1.57 -10.64 8.66
N THR A 60 -0.38 -10.39 8.12
CA THR A 60 0.87 -10.93 8.68
C THR A 60 1.04 -10.49 10.14
N ALA A 61 0.88 -9.18 10.38
CA ALA A 61 1.07 -8.62 11.72
C ALA A 61 0.05 -9.16 12.70
N GLY A 62 -1.19 -9.28 12.26
CA GLY A 62 -2.29 -9.77 13.09
C GLY A 62 -2.16 -11.22 13.52
N LYS A 63 -1.69 -12.06 12.60
CA LYS A 63 -1.39 -13.47 12.89
C LYS A 63 -0.37 -13.58 14.01
N CYS A 64 0.48 -12.54 14.12
CA CYS A 64 1.54 -12.49 15.11
C CYS A 64 1.14 -11.76 16.39
N GLY A 65 -0.12 -11.32 16.45
CA GLY A 65 -0.68 -10.71 17.65
C GLY A 65 -0.77 -9.19 17.66
N LEU A 66 -0.30 -8.54 16.59
CA LEU A 66 -0.40 -7.08 16.51
C LEU A 66 -1.83 -6.67 16.16
N VAL A 67 -2.22 -5.49 16.61
CA VAL A 67 -3.60 -5.02 16.48
C VAL A 67 -3.72 -3.71 15.72
N PRO A 68 -4.79 -3.49 14.98
CA PRO A 68 -5.02 -2.22 14.34
C PRO A 68 -5.35 -1.12 15.36
N VAL A 69 -4.83 0.07 15.13
CA VAL A 69 -4.99 1.17 16.05
C VAL A 69 -5.67 2.44 15.59
N LEU A 70 -5.39 2.82 14.38
CA LEU A 70 -6.10 3.86 13.67
C LEU A 70 -5.95 3.56 12.18
N ALA A 71 -6.91 3.98 11.36
CA ALA A 71 -6.86 3.75 9.92
C ALA A 71 -6.69 5.04 9.12
N GLU A 72 -5.99 4.93 7.99
CA GLU A 72 -5.97 6.04 7.03
C GLU A 72 -7.39 6.34 6.58
N ASN A 73 -7.70 7.62 6.48
CA ASN A 73 -8.97 8.07 5.95
C ASN A 73 -8.67 9.18 4.94
N ARG A 74 -9.04 8.97 3.69
CA ARG A 74 -8.85 9.95 2.60
C ARG A 74 -10.13 10.74 2.35
N LYS A 75 -10.15 11.60 1.32
CA LYS A 75 -11.31 12.40 0.95
C LYS A 75 -12.56 11.54 0.72
N SER A 76 -13.71 11.92 1.28
CA SER A 76 -14.93 11.10 1.14
C SER A 76 -16.24 11.88 0.87
N SER A 77 -17.22 11.21 0.24
CA SER A 77 -18.51 11.85 -0.10
C SER A 77 -19.69 11.63 0.88
N LYS A 78 -19.92 10.40 1.34
CA LYS A 78 -20.89 10.21 2.42
C LYS A 78 -20.25 10.43 3.82
N HIS A 79 -20.97 10.13 4.90
CA HIS A 79 -20.49 10.38 6.25
C HIS A 79 -20.18 11.87 6.42
N SER A 80 -21.07 12.71 5.89
CA SER A 80 -20.91 14.15 5.95
C SER A 80 -20.97 14.96 7.28
N SER A 81 -21.87 14.61 8.22
CA SER A 81 -21.90 15.29 9.53
C SER A 81 -20.56 15.18 10.25
N LEU A 82 -19.78 14.17 9.86
CA LEU A 82 -18.69 13.66 10.70
C LEU A 82 -17.30 14.22 10.39
N ASP A 83 -16.57 14.51 11.47
CA ASP A 83 -15.15 14.85 11.38
C ASP A 83 -14.39 13.63 10.86
N CYS A 84 -13.30 13.89 10.15
CA CYS A 84 -12.48 12.84 9.55
C CYS A 84 -12.08 11.75 10.56
N VAL A 85 -11.68 12.15 11.76
CA VAL A 85 -11.22 11.19 12.77
C VAL A 85 -12.32 10.23 13.25
N LEU A 86 -13.58 10.64 13.10
CA LEU A 86 -14.72 9.83 13.52
C LEU A 86 -15.47 9.20 12.33
N ARG A 87 -15.06 9.58 11.12
CA ARG A 87 -15.69 9.10 9.89
C ARG A 87 -15.28 7.65 9.59
N PRO A 88 -16.27 6.77 9.37
CA PRO A 88 -15.95 5.38 9.02
C PRO A 88 -15.27 5.32 7.65
N THR A 89 -14.17 4.59 7.59
CA THR A 89 -13.41 4.40 6.35
C THR A 89 -14.23 3.58 5.34
N GLU A 90 -14.02 3.85 4.06
CA GLU A 90 -14.77 3.20 2.99
C GLU A 90 -13.96 2.28 2.06
N GLY A 91 -12.78 1.93 2.44
CA GLY A 91 -11.92 1.08 1.63
C GLY A 91 -11.48 1.74 0.34
N TYR A 92 -10.48 1.19 -0.32
CA TYR A 92 -10.06 1.71 -1.62
C TYR A 92 -10.27 0.68 -2.71
N LEU A 93 -10.32 1.14 -3.96
CA LEU A 93 -10.62 0.27 -5.08
C LEU A 93 -9.35 -0.29 -5.70
N ALA A 94 -9.14 -1.59 -5.55
CA ALA A 94 -8.05 -2.30 -6.22
C ALA A 94 -8.39 -2.44 -7.70
N VAL A 95 -7.48 -2.02 -8.57
CA VAL A 95 -7.72 -2.04 -10.02
C VAL A 95 -6.57 -2.69 -10.79
N ALA A 96 -6.87 -3.13 -12.01
CA ALA A 96 -5.85 -3.53 -12.97
C ALA A 96 -5.81 -2.46 -14.06
N VAL A 97 -4.64 -1.87 -14.29
CA VAL A 97 -4.51 -0.75 -15.22
C VAL A 97 -3.61 -1.12 -16.39
N VAL A 98 -4.02 -0.73 -17.59
CA VAL A 98 -3.22 -0.95 -18.80
C VAL A 98 -3.16 0.32 -19.64
N LYS A 99 -2.31 0.32 -20.66
CA LYS A 99 -2.30 1.40 -21.65
C LYS A 99 -3.45 1.18 -22.63
N LYS A 100 -4.17 2.25 -22.93
CA LYS A 100 -5.24 2.22 -23.92
C LYS A 100 -4.69 1.71 -25.26
N ALA A 101 -3.49 2.15 -25.61
CA ALA A 101 -2.82 1.76 -26.84
C ALA A 101 -2.51 0.25 -26.92
N ASN A 102 -2.45 -0.40 -25.77
CA ASN A 102 -2.28 -1.85 -25.72
C ASN A 102 -3.69 -2.40 -25.92
N GLU A 103 -4.13 -2.37 -27.19
CA GLU A 103 -5.50 -2.76 -27.53
C GLU A 103 -5.69 -4.26 -27.45
N GLY A 104 -6.88 -4.68 -27.03
CA GLY A 104 -7.19 -6.10 -26.95
C GLY A 104 -6.58 -6.82 -25.76
N LEU A 105 -5.86 -6.10 -24.90
CA LEU A 105 -5.48 -6.66 -23.61
C LEU A 105 -6.65 -6.51 -22.66
N THR A 106 -7.13 -7.64 -22.15
CA THR A 106 -8.22 -7.65 -21.18
C THR A 106 -7.82 -8.52 -20.02
N TRP A 107 -8.69 -8.62 -19.01
CA TRP A 107 -8.49 -9.56 -17.92
C TRP A 107 -8.26 -10.98 -18.43
N ASN A 108 -8.92 -11.31 -19.55
CA ASN A 108 -8.89 -12.67 -20.11
C ASN A 108 -7.70 -12.99 -21.00
N SER A 109 -6.85 -11.99 -21.24
CA SER A 109 -5.63 -12.18 -22.05
C SER A 109 -4.33 -11.94 -21.28
N LEU A 110 -4.41 -11.86 -19.95
CA LEU A 110 -3.26 -11.49 -19.12
C LEU A 110 -2.14 -12.52 -19.11
N LYS A 111 -2.47 -13.79 -19.36
CA LYS A 111 -1.47 -14.86 -19.35
C LYS A 111 -0.29 -14.52 -20.28
N ASP A 112 0.92 -14.72 -19.77
CA ASP A 112 2.19 -14.47 -20.49
C ASP A 112 2.35 -13.01 -20.93
N LYS A 113 1.74 -12.08 -20.20
CA LYS A 113 2.05 -10.65 -20.30
C LYS A 113 2.99 -10.25 -19.16
N LYS A 114 3.42 -8.99 -19.17
CA LYS A 114 4.35 -8.47 -18.18
C LYS A 114 3.56 -7.67 -17.14
N SER A 115 3.81 -7.93 -15.85
CA SER A 115 3.01 -7.32 -14.80
C SER A 115 3.83 -6.47 -13.83
N CYS A 116 3.18 -5.44 -13.27
CA CYS A 116 3.78 -4.58 -12.26
C CYS A 116 2.93 -4.66 -11.00
N HIS A 117 3.57 -5.02 -9.89
CA HIS A 117 2.88 -5.20 -8.60
C HIS A 117 3.49 -4.25 -7.59
N THR A 118 2.68 -3.77 -6.65
CA THR A 118 3.19 -2.89 -5.59
C THR A 118 4.26 -3.63 -4.78
N ALA A 119 3.89 -4.81 -4.28
CA ALA A 119 4.80 -5.76 -3.66
C ALA A 119 4.10 -7.11 -3.48
N VAL A 120 4.88 -8.15 -3.26
CA VAL A 120 4.30 -9.38 -2.85
C VAL A 120 3.63 -9.13 -1.50
N ASP A 121 2.50 -9.78 -1.30
CA ASP A 121 1.77 -9.77 -0.05
C ASP A 121 0.92 -8.53 0.20
N ARG A 122 0.93 -7.60 -0.72
CA ARG A 122 0.10 -6.41 -0.59
C ARG A 122 -1.27 -6.61 -1.23
N THR A 123 -2.28 -5.90 -0.71
CA THR A 123 -3.62 -6.13 -1.17
C THR A 123 -3.98 -5.94 -2.66
N ALA A 124 -3.90 -4.72 -3.18
CA ALA A 124 -4.23 -4.45 -4.57
C ALA A 124 -3.13 -5.00 -5.47
N GLY A 125 -1.90 -4.94 -4.99
CA GLY A 125 -0.75 -5.32 -5.79
C GLY A 125 -0.54 -6.81 -5.97
N TRP A 126 -0.96 -7.57 -4.97
CA TRP A 126 -0.73 -9.01 -4.97
C TRP A 126 -1.91 -9.91 -4.59
N ASN A 127 -2.41 -9.74 -3.36
CA ASN A 127 -3.36 -10.70 -2.79
C ASN A 127 -4.63 -10.83 -3.62
N ILE A 128 -5.16 -9.68 -4.03
CA ILE A 128 -6.38 -9.64 -4.83
C ILE A 128 -6.14 -10.20 -6.25
N PRO A 129 -5.23 -9.58 -7.04
CA PRO A 129 -5.02 -10.09 -8.40
C PRO A 129 -4.55 -11.55 -8.46
N MET A 130 -3.56 -11.92 -7.65
CA MET A 130 -3.04 -13.29 -7.69
C MET A 130 -4.02 -14.30 -7.10
N GLY A 131 -4.80 -13.88 -6.11
CA GLY A 131 -5.87 -14.71 -5.56
C GLY A 131 -6.89 -15.04 -6.63
N LEU A 132 -7.28 -14.02 -7.39
CA LEU A 132 -8.24 -14.19 -8.49
C LEU A 132 -7.67 -15.07 -9.60
N ILE A 133 -6.40 -14.87 -9.93
CA ILE A 133 -5.75 -15.63 -11.01
C ILE A 133 -5.58 -17.10 -10.65
N VAL A 134 -5.07 -17.37 -9.44
CA VAL A 134 -4.97 -18.75 -8.93
C VAL A 134 -6.32 -19.45 -8.99
N ASN A 135 -7.36 -18.74 -8.54
CA ASN A 135 -8.72 -19.25 -8.55
C ASN A 135 -9.25 -19.62 -9.92
N GLN A 136 -9.21 -18.67 -10.85
CA GLN A 136 -9.73 -18.87 -12.20
C GLN A 136 -8.87 -19.82 -13.03
N THR A 137 -7.60 -19.86 -12.67
CA THR A 137 -6.62 -20.71 -13.35
C THR A 137 -6.60 -22.14 -12.76
N GLY A 138 -7.07 -22.28 -11.53
CA GLY A 138 -7.04 -23.56 -10.82
C GLY A 138 -5.63 -24.06 -10.59
N SER A 139 -4.69 -23.13 -10.46
CA SER A 139 -3.27 -23.47 -10.31
C SER A 139 -2.55 -22.53 -9.35
N CYS A 140 -1.70 -23.12 -8.52
CA CYS A 140 -0.91 -22.40 -7.54
C CYS A 140 0.39 -21.86 -8.13
N ALA A 141 0.62 -22.13 -9.41
CA ALA A 141 1.84 -21.70 -10.09
C ALA A 141 1.77 -20.23 -10.53
N PHE A 142 1.36 -19.36 -9.59
CA PHE A 142 1.21 -17.92 -9.85
C PHE A 142 2.53 -17.26 -10.28
N ASP A 143 3.63 -18.00 -10.17
CA ASP A 143 4.95 -17.55 -10.56
C ASP A 143 5.22 -17.83 -12.02
N GLU A 144 4.32 -18.57 -12.65
CA GLU A 144 4.45 -18.96 -14.04
C GLU A 144 3.36 -18.36 -14.93
N PHE A 145 2.53 -17.48 -14.35
CA PHE A 145 1.42 -16.89 -15.08
C PHE A 145 1.86 -15.75 -16.00
N PHE A 146 2.50 -14.74 -15.42
CA PHE A 146 3.06 -13.65 -16.20
C PHE A 146 4.45 -14.06 -16.69
N SER A 147 4.83 -13.62 -17.88
CA SER A 147 6.13 -13.97 -18.45
C SER A 147 7.26 -13.35 -17.64
N GLN A 148 7.07 -12.08 -17.24
CA GLN A 148 8.00 -11.38 -16.38
C GLN A 148 7.20 -10.42 -15.51
N SER A 149 7.72 -10.08 -14.34
CA SER A 149 7.05 -9.13 -13.46
C SER A 149 8.05 -8.27 -12.70
N CYS A 150 7.56 -7.19 -12.12
CA CYS A 150 8.20 -6.60 -10.96
C CYS A 150 7.26 -6.77 -9.79
N ALA A 151 7.63 -7.65 -8.88
CA ALA A 151 6.87 -7.93 -7.67
C ALA A 151 7.89 -7.85 -6.54
N PRO A 152 8.10 -6.62 -6.01
CA PRO A 152 9.08 -6.45 -4.94
C PRO A 152 8.83 -7.40 -3.77
N GLY A 153 9.90 -8.04 -3.31
CA GLY A 153 9.80 -9.03 -2.24
C GLY A 153 9.93 -10.47 -2.72
N ALA A 154 9.76 -10.69 -4.02
CA ALA A 154 9.96 -12.02 -4.62
C ALA A 154 11.46 -12.32 -4.75
N ASP A 155 11.80 -13.53 -5.20
CA ASP A 155 13.19 -13.92 -5.40
C ASP A 155 13.82 -13.07 -6.51
N PRO A 156 14.88 -12.28 -6.19
CA PRO A 156 15.44 -11.36 -7.19
C PRO A 156 15.91 -12.00 -8.49
N LYS A 157 16.23 -13.29 -8.47
CA LYS A 157 16.67 -13.98 -9.67
C LYS A 157 15.52 -14.58 -10.48
N SER A 158 14.32 -14.54 -9.91
CA SER A 158 13.14 -15.13 -10.54
C SER A 158 12.49 -14.17 -11.53
N ARG A 159 11.60 -14.71 -12.36
CA ARG A 159 10.90 -13.90 -13.34
C ARG A 159 9.95 -12.88 -12.69
N LEU A 160 9.55 -13.15 -11.44
CA LEU A 160 8.72 -12.20 -10.69
C LEU A 160 9.46 -10.91 -10.32
N CYS A 161 10.80 -10.92 -10.42
CA CYS A 161 11.60 -9.73 -10.17
C CYS A 161 12.26 -9.19 -11.44
N ALA A 162 12.07 -9.87 -12.56
CA ALA A 162 12.78 -9.58 -13.81
C ALA A 162 12.65 -8.12 -14.27
N LEU A 163 11.50 -7.52 -14.03
CA LEU A 163 11.23 -6.14 -14.47
C LEU A 163 11.61 -5.07 -13.46
N CYS A 164 11.91 -5.48 -12.23
CA CYS A 164 12.32 -4.52 -11.21
C CYS A 164 13.66 -3.89 -11.58
N ALA A 165 13.89 -2.67 -11.13
CA ALA A 165 15.04 -1.88 -11.58
C ALA A 165 16.03 -1.49 -10.48
N GLY A 166 15.65 -1.69 -9.23
CA GLY A 166 16.47 -1.27 -8.10
C GLY A 166 16.57 0.25 -7.95
N ASP A 167 17.61 0.69 -7.23
CA ASP A 167 17.80 2.11 -6.93
C ASP A 167 18.56 2.83 -8.04
N ASP A 168 18.89 4.11 -7.85
CA ASP A 168 19.56 4.87 -8.92
C ASP A 168 20.91 4.27 -9.34
N GLN A 169 21.57 3.58 -8.42
CA GLN A 169 22.83 2.90 -8.72
C GLN A 169 22.59 1.51 -9.30
N GLY A 170 21.32 1.14 -9.44
CA GLY A 170 20.93 -0.17 -9.95
C GLY A 170 21.14 -1.29 -8.94
N LEU A 171 21.25 -0.93 -7.66
CA LEU A 171 21.37 -1.89 -6.57
C LEU A 171 19.99 -2.13 -5.95
N ASP A 172 19.88 -3.16 -5.12
CA ASP A 172 18.64 -3.47 -4.40
C ASP A 172 17.45 -3.77 -5.33
N LYS A 173 17.74 -4.41 -6.46
CA LYS A 173 16.70 -4.82 -7.39
C LYS A 173 15.67 -5.66 -6.65
N CYS A 174 14.40 -5.26 -6.76
CA CYS A 174 13.27 -6.02 -6.21
C CYS A 174 13.12 -5.95 -4.69
N VAL A 175 13.90 -5.11 -4.01
CA VAL A 175 13.69 -4.94 -2.57
C VAL A 175 12.29 -4.36 -2.32
N PRO A 176 11.58 -4.88 -1.32
CA PRO A 176 10.25 -4.32 -1.07
C PRO A 176 10.30 -3.06 -0.20
N ASN A 177 10.98 -2.04 -0.69
CA ASN A 177 10.94 -0.71 -0.10
C ASN A 177 11.12 0.34 -1.18
N SER A 178 10.97 1.61 -0.82
CA SER A 178 10.88 2.68 -1.82
C SER A 178 12.16 2.91 -2.63
N LYS A 179 13.25 2.23 -2.26
CA LYS A 179 14.49 2.31 -3.03
C LYS A 179 14.37 1.65 -4.39
N GLU A 180 13.54 0.60 -4.45
CA GLU A 180 13.20 -0.02 -5.72
C GLU A 180 12.34 0.96 -6.52
N LYS A 181 12.80 1.29 -7.73
CA LYS A 181 12.13 2.25 -8.60
C LYS A 181 10.63 1.94 -8.78
N TYR A 182 10.32 0.66 -8.91
CA TYR A 182 8.95 0.22 -9.19
C TYR A 182 8.21 -0.31 -7.97
N TYR A 183 8.65 0.08 -6.78
CA TYR A 183 7.98 -0.31 -5.55
C TYR A 183 6.72 0.49 -5.26
N GLY A 184 5.72 -0.19 -4.70
CA GLY A 184 4.54 0.49 -4.16
C GLY A 184 3.55 0.90 -5.21
N TYR A 185 2.52 1.65 -4.81
CA TYR A 185 1.52 2.13 -5.77
C TYR A 185 2.15 2.93 -6.89
N THR A 186 2.94 3.94 -6.53
CA THR A 186 3.54 4.84 -7.51
C THR A 186 4.55 4.12 -8.40
N GLY A 187 5.38 3.27 -7.80
CA GLY A 187 6.35 2.48 -8.55
C GLY A 187 5.73 1.51 -9.55
N ALA A 188 4.69 0.80 -9.13
CA ALA A 188 4.00 -0.13 -10.01
C ALA A 188 3.32 0.60 -11.15
N PHE A 189 2.73 1.77 -10.86
CA PHE A 189 2.13 2.58 -11.92
C PHE A 189 3.19 3.14 -12.86
N ARG A 190 4.34 3.52 -12.31
CA ARG A 190 5.48 3.96 -13.12
C ARG A 190 5.96 2.84 -14.06
N CYS A 191 5.99 1.62 -13.52
CA CYS A 191 6.35 0.43 -14.29
C CYS A 191 5.44 0.26 -15.52
N LEU A 192 4.16 0.56 -15.36
CA LEU A 192 3.22 0.59 -16.49
C LEU A 192 3.44 1.80 -17.40
N ALA A 193 3.55 2.99 -16.80
CA ALA A 193 3.69 4.25 -17.54
C ALA A 193 4.88 4.22 -18.48
N GLU A 194 5.97 3.60 -18.02
CA GLU A 194 7.20 3.49 -18.82
C GLU A 194 7.18 2.31 -19.77
N ASP A 195 6.06 1.59 -19.82
CA ASP A 195 5.87 0.40 -20.66
C ASP A 195 6.87 -0.73 -20.38
N VAL A 196 7.30 -0.83 -19.13
CA VAL A 196 8.11 -1.96 -18.68
C VAL A 196 7.18 -3.16 -18.51
N GLY A 197 5.99 -2.90 -17.97
CA GLY A 197 4.95 -3.91 -17.85
C GLY A 197 3.74 -3.57 -18.70
N ASP A 198 2.92 -4.59 -18.96
CA ASP A 198 1.67 -4.45 -19.69
C ASP A 198 0.51 -4.04 -18.78
N VAL A 199 0.61 -4.45 -17.51
CA VAL A 199 -0.46 -4.22 -16.54
C VAL A 199 0.12 -3.85 -15.18
N ALA A 200 -0.53 -2.90 -14.49
CA ALA A 200 -0.18 -2.55 -13.12
C ALA A 200 -1.33 -2.88 -12.19
N PHE A 201 -1.01 -3.48 -11.07
CA PHE A 201 -2.00 -3.76 -10.06
C PHE A 201 -1.81 -2.77 -8.92
N VAL A 202 -2.72 -1.82 -8.86
CA VAL A 202 -2.67 -0.70 -7.98
C VAL A 202 -4.09 -0.37 -7.54
N LYS A 203 -4.27 0.84 -7.06
CA LYS A 203 -5.62 1.24 -6.69
C LYS A 203 -6.08 2.40 -7.56
N ASN A 204 -7.38 2.67 -7.54
CA ASN A 204 -7.94 3.73 -8.36
C ASN A 204 -7.21 5.05 -8.17
N ASP A 205 -6.94 5.42 -6.92
CA ASP A 205 -6.36 6.71 -6.58
C ASP A 205 -5.01 6.98 -7.25
N THR A 206 -4.21 5.92 -7.38
CA THR A 206 -2.87 6.00 -7.97
C THR A 206 -2.92 6.56 -9.39
N VAL A 207 -3.86 6.07 -10.18
CA VAL A 207 -4.01 6.49 -11.57
C VAL A 207 -4.26 8.00 -11.63
N TRP A 208 -5.20 8.47 -10.80
CA TRP A 208 -5.57 9.89 -10.75
C TRP A 208 -4.47 10.81 -10.26
N GLU A 209 -3.77 10.40 -9.21
CA GLU A 209 -2.76 11.24 -8.58
C GLU A 209 -1.46 11.33 -9.36
N ASN A 210 -1.32 10.53 -10.41
CA ASN A 210 -0.10 10.52 -11.21
C ASN A 210 -0.30 10.91 -12.67
N THR A 211 -1.48 11.43 -12.97
CA THR A 211 -1.84 11.82 -14.33
C THR A 211 -2.37 13.25 -14.37
N ASN A 212 -2.45 13.81 -15.58
CA ASN A 212 -3.04 15.13 -15.81
C ASN A 212 -2.48 16.25 -14.94
N GLY A 213 -1.16 16.22 -14.76
CA GLY A 213 -0.46 17.25 -13.99
C GLY A 213 -0.54 17.11 -12.48
N GLU A 214 -1.23 16.07 -12.00
CA GLU A 214 -1.35 15.85 -10.56
C GLU A 214 -0.01 15.49 -9.92
N SER A 215 0.90 14.93 -10.73
CA SER A 215 2.28 14.74 -10.34
C SER A 215 3.21 15.47 -11.30
N THR A 216 4.20 16.17 -10.74
CA THR A 216 5.18 16.92 -11.52
C THR A 216 6.48 16.12 -11.72
N ALA A 217 6.53 14.93 -11.12
CA ALA A 217 7.64 14.00 -11.30
C ALA A 217 7.87 13.74 -12.78
N ASP A 218 9.13 13.63 -13.17
CA ASP A 218 9.53 13.55 -14.58
C ASP A 218 8.83 12.45 -15.38
N TRP A 219 8.71 11.25 -14.79
CA TRP A 219 8.07 10.12 -15.45
C TRP A 219 6.55 10.30 -15.57
N ALA A 220 5.98 11.11 -14.68
CA ALA A 220 4.52 11.25 -14.58
C ALA A 220 3.96 12.54 -15.16
N LYS A 221 4.79 13.57 -15.22
CA LYS A 221 4.36 14.92 -15.61
C LYS A 221 3.57 14.97 -16.92
N ASN A 222 3.89 14.03 -17.83
CA ASN A 222 3.28 13.99 -19.15
C ASN A 222 2.14 12.98 -19.33
N LEU A 223 1.77 12.28 -18.29
CA LEU A 223 0.77 11.23 -18.42
C LEU A 223 -0.65 11.77 -18.45
N LYS A 224 -1.46 11.23 -19.37
CA LYS A 224 -2.87 11.58 -19.50
C LYS A 224 -3.74 10.37 -19.18
N ARG A 225 -4.77 10.57 -18.35
CA ARG A 225 -5.68 9.50 -17.94
C ARG A 225 -6.30 8.79 -19.12
N GLU A 226 -6.53 9.55 -20.20
CA GLU A 226 -7.17 9.01 -21.39
C GLU A 226 -6.30 7.97 -22.07
N ASP A 227 -5.02 7.93 -21.74
CA ASP A 227 -4.11 6.94 -22.29
C ASP A 227 -4.13 5.62 -21.50
N PHE A 228 -4.99 5.56 -20.48
CA PHE A 228 -5.07 4.39 -19.62
C PHE A 228 -6.47 3.79 -19.61
N ARG A 229 -6.53 2.47 -19.38
CA ARG A 229 -7.79 1.76 -19.25
C ARG A 229 -7.73 0.83 -18.05
N LEU A 230 -8.88 0.66 -17.40
CA LEU A 230 -9.03 -0.31 -16.33
C LEU A 230 -9.51 -1.63 -16.92
N LEU A 231 -9.02 -2.73 -16.35
CA LEU A 231 -9.47 -4.05 -16.76
C LEU A 231 -10.56 -4.54 -15.80
N CYS A 232 -11.76 -4.73 -16.33
CA CYS A 232 -12.88 -5.25 -15.53
C CYS A 232 -12.86 -6.77 -15.52
N LEU A 233 -13.42 -7.37 -14.48
CA LEU A 233 -13.41 -8.82 -14.35
C LEU A 233 -14.27 -9.56 -15.39
N ASP A 234 -15.24 -8.85 -15.99
CA ASP A 234 -16.08 -9.44 -17.03
C ASP A 234 -15.44 -9.41 -18.42
N GLY A 235 -14.16 -9.03 -18.48
CA GLY A 235 -13.41 -9.02 -19.73
C GLY A 235 -13.46 -7.72 -20.51
N THR A 236 -14.22 -6.74 -20.00
CA THR A 236 -14.31 -5.43 -20.65
C THR A 236 -13.18 -4.50 -20.21
N ARG A 237 -13.01 -3.40 -20.96
CA ARG A 237 -12.06 -2.34 -20.62
C ARG A 237 -12.82 -1.04 -20.44
N LYS A 238 -12.47 -0.28 -19.39
CA LYS A 238 -13.14 0.98 -19.10
C LYS A 238 -12.16 2.13 -18.86
N PRO A 239 -12.59 3.37 -19.16
CA PRO A 239 -11.85 4.56 -18.78
C PRO A 239 -11.68 4.60 -17.28
N VAL A 240 -10.61 5.25 -16.83
CA VAL A 240 -10.24 5.23 -15.42
C VAL A 240 -11.20 6.03 -14.54
N THR A 241 -12.15 6.72 -15.17
CA THR A 241 -13.25 7.39 -14.47
C THR A 241 -14.29 6.39 -13.95
N GLU A 242 -14.21 5.15 -14.41
CA GLU A 242 -15.24 4.14 -14.09
C GLU A 242 -14.90 3.15 -12.96
N ALA A 243 -13.91 3.47 -12.14
CA ALA A 243 -13.39 2.51 -11.17
C ALA A 243 -14.48 1.87 -10.31
N GLN A 244 -15.55 2.62 -10.03
CA GLN A 244 -16.64 2.12 -9.19
C GLN A 244 -17.37 0.94 -9.84
N SER A 245 -17.26 0.81 -11.16
CA SER A 245 -17.91 -0.29 -11.88
C SER A 245 -16.90 -1.23 -12.57
N CYS A 246 -15.62 -1.01 -12.32
CA CYS A 246 -14.56 -1.77 -12.98
C CYS A 246 -13.34 -1.93 -12.06
N HIS A 247 -13.52 -2.65 -10.96
CA HIS A 247 -12.43 -2.91 -10.03
C HIS A 247 -12.35 -4.40 -9.71
N LEU A 248 -11.26 -4.80 -9.06
CA LEU A 248 -11.06 -6.20 -8.70
C LEU A 248 -11.59 -6.51 -7.31
N ALA A 249 -11.54 -5.51 -6.43
CA ALA A 249 -12.03 -5.64 -5.05
C ALA A 249 -12.00 -4.30 -4.34
N VAL A 250 -12.72 -4.23 -3.22
CA VAL A 250 -12.57 -3.15 -2.27
C VAL A 250 -11.58 -3.60 -1.20
N ALA A 251 -10.51 -2.84 -1.04
CA ALA A 251 -9.46 -3.15 -0.09
C ALA A 251 -9.69 -2.42 1.23
N PRO A 252 -9.41 -3.07 2.37
CA PRO A 252 -9.45 -2.33 3.63
C PRO A 252 -8.33 -1.28 3.68
N ASN A 253 -8.64 -0.08 4.18
CA ASN A 253 -7.65 0.99 4.25
C ASN A 253 -6.38 0.56 5.00
N HIS A 254 -5.25 1.10 4.57
CA HIS A 254 -4.02 1.00 5.32
C HIS A 254 -4.25 1.54 6.74
N ALA A 255 -3.64 0.88 7.71
CA ALA A 255 -3.86 1.20 9.11
C ALA A 255 -2.60 1.04 9.95
N VAL A 256 -2.55 1.79 11.05
CA VAL A 256 -1.46 1.69 12.01
C VAL A 256 -1.68 0.45 12.87
N VAL A 257 -0.63 -0.34 13.05
CA VAL A 257 -0.67 -1.49 13.95
C VAL A 257 0.36 -1.31 15.06
N SER A 258 0.09 -1.95 16.20
CA SER A 258 1.04 -1.94 17.30
C SER A 258 0.83 -3.22 18.10
N ARG A 259 1.74 -3.48 19.03
CA ARG A 259 1.48 -4.50 20.03
C ARG A 259 0.26 -4.07 20.82
N SER A 260 -0.58 -5.04 21.15
CA SER A 260 -1.82 -4.75 21.88
C SER A 260 -1.55 -3.97 23.17
N ASP A 261 -0.45 -4.29 23.85
CA ASP A 261 -0.08 -3.61 25.09
C ASP A 261 0.35 -2.13 24.91
N ARG A 262 0.65 -1.73 23.68
CA ARG A 262 1.04 -0.33 23.39
C ARG A 262 -0.02 0.47 22.62
N ALA A 263 -1.09 -0.21 22.21
CA ALA A 263 -2.10 0.37 21.30
C ALA A 263 -2.73 1.65 21.82
N ALA A 264 -3.13 1.66 23.09
CA ALA A 264 -3.72 2.84 23.72
C ALA A 264 -2.80 4.05 23.68
N HIS A 265 -1.52 3.83 23.99
CA HIS A 265 -0.54 4.90 24.00
C HIS A 265 -0.21 5.41 22.60
N VAL A 266 -0.06 4.48 21.66
CA VAL A 266 0.20 4.81 20.27
C VAL A 266 -0.94 5.66 19.69
N GLU A 267 -2.19 5.25 19.96
CA GLU A 267 -3.37 6.01 19.52
C GLU A 267 -3.34 7.46 20.04
N GLN A 268 -3.16 7.61 21.35
CA GLN A 268 -3.09 8.91 22.01
C GLN A 268 -2.07 9.83 21.36
N VAL A 269 -0.86 9.32 21.17
CA VAL A 269 0.23 10.09 20.60
C VAL A 269 -0.06 10.48 19.15
N LEU A 270 -0.57 9.53 18.37
CA LEU A 270 -0.89 9.78 16.96
C LEU A 270 -1.98 10.81 16.75
N LEU A 271 -3.02 10.76 17.58
CA LEU A 271 -4.10 11.74 17.50
C LEU A 271 -3.57 13.14 17.76
N HIS A 272 -2.65 13.26 18.71
CA HIS A 272 -1.97 14.53 18.97
C HIS A 272 -1.01 14.93 17.85
N GLN A 273 -0.28 13.95 17.31
CA GLN A 273 0.69 14.23 16.25
C GLN A 273 0.03 14.77 14.98
N GLN A 274 -1.12 14.20 14.62
CA GLN A 274 -1.83 14.66 13.43
C GLN A 274 -2.52 16.02 13.63
N ALA A 275 -2.87 16.33 14.88
CA ALA A 275 -3.36 17.66 15.22
C ALA A 275 -2.30 18.71 14.90
N LEU A 276 -1.03 18.32 15.03
CA LEU A 276 0.09 19.18 14.70
C LEU A 276 0.51 19.11 13.23
N PHE A 277 0.60 17.90 12.68
CA PHE A 277 1.24 17.70 11.38
C PHE A 277 0.35 17.08 10.30
N GLY A 278 -0.91 16.82 10.63
CA GLY A 278 -1.88 16.27 9.68
C GLY A 278 -2.36 17.29 8.67
N LYS A 279 -3.45 16.99 7.97
CA LYS A 279 -3.92 17.83 6.86
C LYS A 279 -4.13 19.31 7.19
N ASN A 280 -4.90 19.60 8.24
CA ASN A 280 -5.07 21.00 8.66
C ASN A 280 -4.23 21.30 9.90
N GLY A 281 -3.21 20.47 10.11
CA GLY A 281 -2.37 20.53 11.30
C GLY A 281 -1.80 21.91 11.59
N LYS A 282 -1.68 22.21 12.89
CA LYS A 282 -1.15 23.50 13.34
C LYS A 282 0.14 23.88 12.64
N ASN A 283 0.99 22.89 12.38
CA ASN A 283 2.35 23.12 11.88
C ASN A 283 2.64 22.57 10.48
N CYS A 284 1.58 22.22 9.76
CA CYS A 284 1.68 21.81 8.35
C CYS A 284 0.91 22.83 7.52
N PRO A 285 1.56 23.41 6.48
CA PRO A 285 2.86 23.04 5.93
C PRO A 285 4.10 23.79 6.44
N ASP A 286 3.92 24.75 7.36
CA ASP A 286 5.03 25.61 7.79
C ASP A 286 6.25 24.87 8.36
N LYS A 287 6.03 23.74 9.04
CA LYS A 287 7.13 22.98 9.65
C LYS A 287 7.28 21.56 9.10
N PHE A 288 6.20 20.77 9.14
CA PHE A 288 6.22 19.38 8.72
C PHE A 288 4.82 18.85 8.44
N CYS A 289 4.67 18.13 7.33
CA CYS A 289 3.41 17.48 7.01
C CYS A 289 3.59 15.97 7.03
N LEU A 290 2.86 15.34 7.95
CA LEU A 290 2.95 13.90 8.15
C LEU A 290 2.45 13.10 6.96
N PHE A 291 1.51 13.67 6.21
CA PHE A 291 0.88 12.96 5.11
C PHE A 291 1.34 13.45 3.73
N LYS A 292 2.49 14.13 3.69
CA LYS A 292 3.12 14.49 2.40
C LYS A 292 4.50 13.87 2.25
N SER A 293 4.74 13.35 1.05
CA SER A 293 5.98 12.69 0.65
C SER A 293 6.37 12.93 -0.83
N GLU A 294 5.85 13.97 -1.46
CA GLU A 294 6.12 14.21 -2.89
C GLU A 294 5.67 13.05 -3.77
N THR A 295 4.49 12.52 -3.47
CA THR A 295 3.88 11.33 -4.11
C THR A 295 4.50 9.96 -3.80
N LYS A 296 5.50 9.92 -2.92
CA LYS A 296 6.21 8.68 -2.65
C LYS A 296 5.56 7.82 -1.57
N ASN A 297 4.47 8.34 -0.99
CA ASN A 297 3.69 7.62 0.03
C ASN A 297 4.56 7.05 1.15
N LEU A 298 5.44 7.88 1.69
CA LEU A 298 6.34 7.48 2.76
C LEU A 298 5.66 7.57 4.12
N LEU A 299 5.66 6.46 4.85
CA LEU A 299 5.04 6.31 6.18
C LEU A 299 3.52 6.22 6.10
N PHE A 300 2.91 7.15 5.37
CA PHE A 300 1.48 7.14 5.11
C PHE A 300 1.27 7.46 3.64
N ASN A 301 0.12 7.07 3.11
CA ASN A 301 -0.25 7.51 1.78
C ASN A 301 -0.42 9.02 1.72
N ASP A 302 0.05 9.63 0.64
CA ASP A 302 -0.01 11.07 0.47
C ASP A 302 -1.43 11.63 0.40
N ASN A 303 -2.40 10.78 0.08
CA ASN A 303 -3.80 11.20 0.02
C ASN A 303 -4.56 11.05 1.34
N THR A 304 -3.84 10.75 2.43
CA THR A 304 -4.45 10.61 3.75
C THR A 304 -4.87 11.98 4.29
N GLU A 305 -6.15 12.10 4.64
CA GLU A 305 -6.69 13.32 5.25
C GLU A 305 -6.44 13.30 6.76
N CYS A 306 -6.65 12.13 7.37
CA CYS A 306 -6.43 11.93 8.79
C CYS A 306 -6.33 10.45 9.12
N LEU A 307 -5.89 10.14 10.33
CA LEU A 307 -5.99 8.81 10.87
C LEU A 307 -7.26 8.74 11.71
N ALA A 308 -8.12 7.78 11.39
CA ALA A 308 -9.45 7.67 12.00
C ALA A 308 -9.53 6.58 13.06
N LYS A 309 -10.29 6.87 14.12
CA LYS A 309 -10.61 5.89 15.15
C LYS A 309 -11.42 4.75 14.57
N LEU A 310 -11.23 3.55 15.12
CA LEU A 310 -11.89 2.36 14.61
C LEU A 310 -13.08 1.97 15.50
N GLY A 311 -14.27 2.00 14.94
CA GLY A 311 -15.44 1.63 15.72
C GLY A 311 -15.43 0.17 16.12
N GLY A 312 -15.76 -0.09 17.38
CA GLY A 312 -15.85 -1.44 17.90
C GLY A 312 -14.56 -2.10 18.35
N ARG A 313 -13.44 -1.47 18.26
CA ARG A 313 -12.28 -2.17 18.70
C ARG A 313 -11.90 -3.43 17.97
N PRO A 314 -12.02 -3.38 16.67
CA PRO A 314 -11.91 -4.57 15.86
C PRO A 314 -10.62 -5.33 16.01
N THR A 315 -10.73 -6.64 15.97
CA THR A 315 -9.56 -7.49 15.83
C THR A 315 -9.04 -7.27 14.41
N TYR A 316 -7.86 -7.78 14.10
CA TYR A 316 -7.34 -7.63 12.74
C TYR A 316 -8.25 -8.32 11.71
N GLU A 317 -8.88 -9.43 12.12
CA GLU A 317 -9.77 -10.17 11.24
C GLU A 317 -11.06 -9.41 10.96
N GLU A 318 -11.57 -8.71 11.98
CA GLU A 318 -12.73 -7.84 11.83
C GLU A 318 -12.40 -6.63 10.96
N TYR A 319 -11.21 -6.06 11.17
CA TYR A 319 -10.79 -4.89 10.40
C TYR A 319 -10.63 -5.20 8.91
N LEU A 320 -9.98 -6.32 8.61
CA LEU A 320 -9.76 -6.75 7.22
C LEU A 320 -11.04 -7.25 6.57
N GLY A 321 -11.94 -7.81 7.37
CA GLY A 321 -13.17 -8.41 6.87
C GLY A 321 -12.99 -9.87 6.55
N THR A 322 -13.99 -10.68 6.90
CA THR A 322 -13.91 -12.14 6.80
C THR A 322 -13.56 -12.64 5.39
N GLU A 323 -14.17 -12.05 4.37
CA GLU A 323 -13.93 -12.47 3.00
C GLU A 323 -12.50 -12.23 2.54
N TYR A 324 -11.92 -11.09 2.91
CA TYR A 324 -10.53 -10.80 2.56
C TYR A 324 -9.56 -11.73 3.30
N VAL A 325 -9.82 -11.98 4.58
CA VAL A 325 -8.99 -12.88 5.39
C VAL A 325 -8.96 -14.29 4.77
N THR A 326 -10.13 -14.78 4.36
CA THR A 326 -10.22 -16.10 3.76
C THR A 326 -9.60 -16.16 2.36
N ALA A 327 -9.70 -15.05 1.62
CA ALA A 327 -9.03 -14.93 0.31
C ALA A 327 -7.52 -15.06 0.46
N ILE A 328 -6.95 -14.37 1.44
CA ILE A 328 -5.51 -14.44 1.73
C ILE A 328 -5.12 -15.86 2.16
N ALA A 329 -5.90 -16.42 3.08
CA ALA A 329 -5.65 -17.78 3.58
C ALA A 329 -5.61 -18.79 2.43
N ASN A 330 -6.60 -18.72 1.54
CA ASN A 330 -6.65 -19.55 0.35
C ASN A 330 -5.44 -19.38 -0.57
N LEU A 331 -5.04 -18.13 -0.78
CA LEU A 331 -3.87 -17.84 -1.61
C LEU A 331 -2.60 -18.38 -0.97
N LYS A 332 -2.48 -18.21 0.35
CA LYS A 332 -1.29 -18.65 1.10
C LYS A 332 -1.08 -20.17 1.08
N LYS A 333 -2.15 -20.92 0.80
CA LYS A 333 -2.06 -22.37 0.61
C LYS A 333 -1.12 -22.75 -0.54
N CYS A 334 -0.95 -21.83 -1.49
CA CYS A 334 -0.04 -22.05 -2.63
C CYS A 334 1.43 -21.97 -2.25
N SER A 335 1.74 -21.28 -1.15
CA SER A 335 3.12 -21.10 -0.72
C SER A 335 3.32 -21.56 0.72
N LEU A 340 -2.14 -21.89 8.76
CA LEU A 340 -3.56 -21.59 8.88
C LEU A 340 -3.84 -20.73 10.11
N GLU A 341 -2.99 -20.85 11.12
CA GLU A 341 -3.14 -20.09 12.36
C GLU A 341 -1.82 -20.13 13.11
N ALA A 342 -0.85 -19.34 12.66
CA ALA A 342 0.44 -19.24 13.33
C ALA A 342 1.26 -18.08 12.77
N CYS A 343 1.94 -17.36 13.66
CA CYS A 343 2.81 -16.26 13.26
C CYS A 343 3.96 -16.77 12.39
N ALA A 344 4.25 -16.05 11.30
CA ALA A 344 5.28 -16.45 10.34
C ALA A 344 6.71 -16.33 10.89
N PHE A 345 6.84 -15.68 12.05
CA PHE A 345 8.15 -15.42 12.65
C PHE A 345 8.32 -16.14 13.99
C1 NAG B . -10.74 -17.93 -4.35
C2 NAG B . -11.34 -16.72 -3.64
C3 NAG B . -11.71 -17.04 -2.19
C4 NAG B . -12.43 -18.38 -2.08
C5 NAG B . -11.61 -19.47 -2.78
C6 NAG B . -12.25 -20.86 -2.72
C7 NAG B . -10.64 -14.46 -4.25
C8 NAG B . -9.53 -13.46 -4.23
N2 NAG B . -10.37 -15.64 -3.68
O3 NAG B . -12.52 -16.01 -1.69
O4 NAG B . -12.65 -18.70 -0.72
O5 NAG B . -11.48 -19.10 -4.13
O6 NAG B . -13.54 -20.84 -3.30
O7 NAG B . -11.73 -14.17 -4.76
C1 NAG B . -14.07 -18.75 -0.44
C2 NAG B . -14.32 -19.67 0.76
C3 NAG B . -15.76 -19.62 1.25
C4 NAG B . -16.29 -18.18 1.34
C5 NAG B . -16.04 -17.49 -0.01
C6 NAG B . -16.61 -16.07 -0.07
C7 NAG B . -12.91 -21.68 0.81
C8 NAG B . -12.74 -23.08 0.30
N2 NAG B . -13.99 -21.03 0.38
O3 NAG B . -15.85 -20.22 2.53
O4 NAG B . -17.66 -18.19 1.67
O5 NAG B . -14.65 -17.47 -0.25
O6 NAG B . -15.91 -15.22 0.81
O7 NAG B . -12.08 -21.22 1.59
C1 NAG C . -10.57 7.51 -7.75
C2 NAG C . -11.93 8.02 -7.27
C3 NAG C . -12.09 9.52 -7.49
C4 NAG C . -10.87 10.30 -6.96
C5 NAG C . -9.56 9.66 -7.43
C6 NAG C . -8.34 10.28 -6.74
C7 NAG C . -13.74 6.40 -7.27
C8 NAG C . -14.81 5.70 -8.07
N2 NAG C . -12.99 7.29 -7.93
O3 NAG C . -13.25 9.96 -6.82
O4 NAG C . -10.92 11.64 -7.41
O5 NAG C . -9.55 8.28 -7.17
O6 NAG C . -8.42 10.09 -5.34
O7 NAG C . -13.61 6.15 -6.07
C1 NAG C . -10.95 12.56 -6.30
C2 NAG C . -10.53 13.94 -6.82
C3 NAG C . -10.93 15.09 -5.90
C4 NAG C . -12.38 14.94 -5.48
C5 NAG C . -12.55 13.59 -4.78
C6 NAG C . -13.97 13.39 -4.28
C7 NAG C . -8.61 14.13 -8.32
C8 NAG C . -7.11 14.17 -8.44
N2 NAG C . -9.11 13.99 -7.09
O3 NAG C . -10.75 16.32 -6.57
O4 NAG C . -12.75 16.00 -4.63
O5 NAG C . -12.23 12.56 -5.69
O6 NAG C . -14.10 12.09 -3.76
O7 NAG C . -9.31 14.21 -9.34
C1 NBO D . -16.27 -9.31 8.27
O1 NBO D . -15.64 -7.57 9.82
C2 NBO D . -16.06 -7.90 8.76
C3 NBO D . -16.43 -6.74 7.86
C4 NBO D . -15.74 -5.61 8.63
C10' NBO D . -14.69 -5.00 6.45
C1' NBO D . -14.87 -4.75 7.78
C11' NBO D . -11.68 0.72 5.02
C2' NBO D . -14.26 -3.70 8.38
O2' NBO D . -11.05 -0.37 5.57
C3' NBO D . -13.45 -2.86 7.66
C4' NBO D . -12.84 -1.82 8.30
C5' NBO D . -12.06 -0.98 7.58
C6' NBO D . -11.83 -1.21 6.28
C7' NBO D . -12.46 -2.25 5.63
C8' NBO D . -13.28 -3.10 6.32
C9' NBO D . -13.88 -4.18 5.70
C1 NAG E . 5.26 16.18 23.21
C2 NAG E . 4.74 17.56 22.81
C3 NAG E . 4.84 18.40 24.07
C4 NAG E . 3.74 17.88 24.99
C5 NAG E . 3.88 16.37 25.25
C6 NAG E . 2.53 15.81 25.67
C7 NAG E . 5.24 17.90 20.39
C8 NAG E . 5.99 18.78 19.43
N2 NAG E . 5.39 18.22 21.68
O3 NAG E . 4.64 19.77 23.79
O4 NAG E . 3.76 18.58 26.22
O5 NAG E . 4.34 15.61 24.13
O6 NAG E . 2.70 14.48 26.12
O7 NAG E . 4.54 16.96 19.96
ZN ZN F . -15.19 -7.22 17.55
ZN ZN G . -17.15 -3.92 -5.94
FE FE H . -2.69 -1.24 -0.23
C CO3 I . -1.50 -2.43 -2.09
O1 CO3 I . -0.80 -1.70 -1.27
O2 CO3 I . -2.78 -2.49 -1.92
O3 CO3 I . -0.94 -3.09 -3.05
S SO4 J . -10.61 0.88 -25.43
O1 SO4 J . -10.84 0.31 -24.10
O2 SO4 J . -11.55 0.29 -26.38
O3 SO4 J . -10.80 2.32 -25.37
O4 SO4 J . -9.24 0.58 -25.86
#